data_3CWR
#
_entry.id   3CWR
#
_cell.length_a   53.340
_cell.length_b   53.340
_cell.length_c   234.240
_cell.angle_alpha   90.000
_cell.angle_beta   90.000
_cell.angle_gamma   120.000
#
_symmetry.space_group_name_H-M   'P 65'
#
loop_
_entity.id
_entity.type
_entity.pdbx_description
1 polymer 'Transcriptional regulator, TetR family'
2 non-polymer 'SULFATE ION'
3 non-polymer 1,2-ETHANEDIOL
4 water water
#
_entity_poly.entity_id   1
_entity_poly.type   'polypeptide(L)'
_entity_poly.pdbx_seq_one_letter_code
;G(MSE)VEQRNRGRPAVPDAVVRESIVGAAQRLLSSGGAAA(MSE)T(MSE)EGVASEAGIAKKTLYRFASGRADLIGLL
VESWIAPIFPGFEADPQDAAAALERIVYDIAQAVLSREAVSLFR(MSE)LASDADLRNRFLPAYNANGIERSRRELARWL
DQQASAGRLPLPIPAERVADLLLSAVIAEPLRQITLGLREPLPAWDIAPRVADAVRLIAPGRER
;
_entity_poly.pdbx_strand_id   A,B
#
# COMPACT_ATOMS: atom_id res chain seq x y z
N PRO A 11 -1.35 4.66 30.32
CA PRO A 11 -2.09 4.95 29.10
C PRO A 11 -2.86 3.75 28.57
N ALA A 12 -3.42 3.96 27.39
CA ALA A 12 -4.25 2.95 26.74
C ALA A 12 -3.45 1.81 26.14
N VAL A 13 -4.13 0.69 26.04
CA VAL A 13 -3.62 -0.48 25.35
C VAL A 13 -3.33 -0.08 23.86
N PRO A 14 -2.45 -0.79 23.14
CA PRO A 14 -2.16 -0.43 21.73
C PRO A 14 -3.36 -0.57 20.85
N ASP A 15 -3.35 0.25 19.80
CA ASP A 15 -4.44 0.31 18.79
C ASP A 15 -4.74 -1.04 18.15
N ALA A 16 -3.75 -1.91 18.13
CA ALA A 16 -3.94 -3.23 17.50
C ALA A 16 -5.06 -4.02 18.13
N VAL A 17 -5.29 -3.78 19.43
CA VAL A 17 -6.34 -4.51 20.17
C VAL A 17 -7.74 -4.20 19.61
N VAL A 18 -8.09 -2.91 19.57
CA VAL A 18 -9.39 -2.50 19.02
C VAL A 18 -9.47 -2.80 17.50
N ARG A 19 -8.36 -2.64 16.77
CA ARG A 19 -8.36 -2.94 15.33
C ARG A 19 -8.79 -4.38 15.11
N GLU A 20 -8.23 -5.29 15.90
CA GLU A 20 -8.55 -6.72 15.81
CA GLU A 20 -8.56 -6.71 15.77
C GLU A 20 -10.05 -6.96 16.06
N SER A 21 -10.60 -6.22 17.00
CA SER A 21 -12.01 -6.38 17.33
CA SER A 21 -12.03 -6.36 17.33
CA SER A 21 -12.02 -6.35 17.34
C SER A 21 -12.89 -5.95 16.17
N ILE A 22 -12.50 -4.88 15.54
CA ILE A 22 -13.23 -4.34 14.41
C ILE A 22 -13.23 -5.32 13.26
N VAL A 23 -12.05 -5.81 12.92
CA VAL A 23 -11.97 -6.74 11.77
C VAL A 23 -12.72 -8.04 12.05
N GLY A 24 -12.69 -8.50 13.31
CA GLY A 24 -13.42 -9.72 13.68
C GLY A 24 -14.89 -9.49 13.50
N ALA A 25 -15.35 -8.34 13.98
CA ALA A 25 -16.75 -7.99 13.89
C ALA A 25 -17.23 -7.87 12.45
N ALA A 26 -16.42 -7.22 11.62
CA ALA A 26 -16.73 -7.00 10.20
C ALA A 26 -16.89 -8.34 9.52
N GLN A 27 -15.95 -9.23 9.76
CA GLN A 27 -16.03 -10.56 9.16
C GLN A 27 -17.27 -11.33 9.64
N ARG A 28 -17.55 -11.28 10.94
CA ARG A 28 -18.70 -12.05 11.41
C ARG A 28 -19.97 -11.59 10.76
N LEU A 29 -20.09 -10.30 10.56
CA LEU A 29 -21.30 -9.74 9.98
C LEU A 29 -21.39 -10.10 8.49
N LEU A 30 -20.27 -10.02 7.80
CA LEU A 30 -20.25 -10.39 6.40
C LEU A 30 -20.68 -11.82 6.24
N SER A 31 -20.13 -12.67 7.09
CA SER A 31 -20.41 -14.11 7.01
C SER A 31 -21.82 -14.48 7.40
N SER A 32 -22.44 -13.65 8.24
CA SER A 32 -23.78 -13.96 8.76
CA SER A 32 -23.78 -13.96 8.75
C SER A 32 -24.89 -13.36 7.92
N GLY A 33 -24.68 -12.16 7.42
CA GLY A 33 -25.68 -11.43 6.66
C GLY A 33 -25.30 -10.68 5.40
N GLY A 34 -24.09 -10.92 4.92
CA GLY A 34 -23.66 -10.22 3.74
C GLY A 34 -23.26 -8.78 3.99
N ALA A 35 -22.99 -8.07 2.89
CA ALA A 35 -22.59 -6.69 2.94
C ALA A 35 -23.62 -5.89 3.70
N ALA A 36 -24.90 -6.27 3.56
CA ALA A 36 -25.94 -5.48 4.19
C ALA A 36 -25.93 -5.54 5.69
N ALA A 37 -25.35 -6.59 6.27
CA ALA A 37 -25.25 -6.77 7.72
C ALA A 37 -24.07 -5.97 8.26
N THR A 39 -22.86 -2.99 8.58
CA THR A 39 -23.03 -1.57 8.72
C THR A 39 -22.07 -1.03 9.79
N GLU A 41 -22.89 0.93 12.31
CA GLU A 41 -23.50 0.74 13.62
C GLU A 41 -23.40 -0.74 14.06
N GLY A 42 -23.59 -1.65 13.09
CA GLY A 42 -23.49 -3.07 13.37
C GLY A 42 -22.12 -3.50 13.85
N VAL A 43 -21.10 -3.01 13.13
CA VAL A 43 -19.72 -3.31 13.48
C VAL A 43 -19.37 -2.73 14.84
N ALA A 44 -19.80 -1.51 15.11
CA ALA A 44 -19.49 -0.95 16.43
C ALA A 44 -20.09 -1.82 17.54
N SER A 45 -21.32 -2.24 17.33
CA SER A 45 -22.01 -3.07 18.33
C SER A 45 -21.38 -4.43 18.48
N GLU A 46 -21.08 -5.07 17.36
CA GLU A 46 -20.50 -6.42 17.37
C GLU A 46 -19.09 -6.41 17.95
N ALA A 47 -18.34 -5.33 17.68
CA ALA A 47 -16.97 -5.19 18.19
C ALA A 47 -16.92 -4.76 19.64
N GLY A 48 -18.04 -4.24 20.10
CA GLY A 48 -18.18 -3.71 21.48
C GLY A 48 -17.43 -2.42 21.73
N ILE A 49 -17.52 -1.50 20.75
CA ILE A 49 -16.87 -0.21 20.84
C ILE A 49 -17.80 0.93 20.50
N ALA A 50 -17.44 2.12 20.98
CA ALA A 50 -18.12 3.37 20.67
C ALA A 50 -18.01 3.73 19.20
N LYS A 51 -19.03 4.42 18.73
CA LYS A 51 -19.02 4.94 17.37
C LYS A 51 -17.76 5.80 17.15
N LYS A 52 -17.48 6.67 18.09
CA LYS A 52 -16.35 7.59 17.93
C LYS A 52 -15.02 6.86 17.86
N THR A 53 -14.98 5.67 18.46
CA THR A 53 -13.78 4.84 18.39
C THR A 53 -13.68 4.16 17.03
N LEU A 54 -14.79 3.58 16.55
CA LEU A 54 -14.79 2.95 15.24
C LEU A 54 -14.35 3.93 14.17
N TYR A 55 -14.86 5.14 14.27
CA TYR A 55 -14.60 6.19 13.23
C TYR A 55 -13.15 6.67 13.20
N ARG A 56 -12.36 6.33 14.23
CA ARG A 56 -10.90 6.56 14.17
C ARG A 56 -10.24 5.59 13.20
N PHE A 57 -10.84 4.41 13.07
CA PHE A 57 -10.26 3.33 12.30
C PHE A 57 -10.84 3.19 10.88
N ALA A 58 -12.08 3.53 10.73
CA ALA A 58 -12.82 3.41 9.44
C ALA A 58 -13.90 4.45 9.35
N SER A 59 -14.07 5.07 8.19
CA SER A 59 -15.08 6.10 8.02
C SER A 59 -16.36 5.62 7.33
N GLY A 60 -16.28 4.40 6.81
CA GLY A 60 -17.39 3.79 6.11
C GLY A 60 -17.09 2.34 5.78
N ARG A 61 -18.05 1.72 5.12
CA ARG A 61 -17.97 0.31 4.82
C ARG A 61 -16.79 -0.07 3.98
N ALA A 62 -16.44 0.79 3.05
CA ALA A 62 -15.28 0.52 2.20
C ALA A 62 -14.00 0.42 3.03
N ASP A 63 -13.84 1.34 3.99
CA ASP A 63 -12.67 1.29 4.87
C ASP A 63 -12.66 -0.01 5.69
N LEU A 64 -13.86 -0.49 6.06
CA LEU A 64 -13.95 -1.75 6.80
C LEU A 64 -13.42 -2.92 5.95
N ILE A 65 -13.79 -2.91 4.68
CA ILE A 65 -13.31 -3.95 3.78
C ILE A 65 -11.78 -3.84 3.67
N GLY A 66 -11.28 -2.61 3.57
CA GLY A 66 -9.83 -2.42 3.46
C GLY A 66 -9.12 -2.95 4.70
N LEU A 67 -9.72 -2.69 5.88
CA LEU A 67 -9.11 -3.16 7.14
C LEU A 67 -9.11 -4.68 7.19
N LEU A 68 -10.22 -5.26 6.73
CA LEU A 68 -10.38 -6.71 6.71
C LEU A 68 -9.32 -7.39 5.86
N VAL A 69 -9.24 -6.92 4.63
CA VAL A 69 -8.29 -7.45 3.65
C VAL A 69 -6.85 -7.25 4.15
N GLU A 70 -6.58 -6.07 4.69
CA GLU A 70 -5.24 -5.80 5.25
C GLU A 70 -4.88 -6.77 6.35
N SER A 71 -5.87 -7.15 7.18
CA SER A 71 -5.59 -8.03 8.28
C SER A 71 -5.16 -9.42 7.85
N TRP A 72 -5.54 -9.79 6.63
CA TRP A 72 -5.20 -11.09 6.10
C TRP A 72 -3.76 -11.09 5.64
N ILE A 73 -3.30 -9.96 5.10
CA ILE A 73 -1.95 -9.91 4.48
C ILE A 73 -0.82 -9.23 5.31
N ALA A 74 -1.23 -8.38 6.25
CA ALA A 74 -0.28 -7.65 7.10
C ALA A 74 0.71 -8.52 7.85
N PRO A 75 0.26 -9.65 8.40
CA PRO A 75 1.15 -10.50 9.21
C PRO A 75 2.18 -11.32 8.43
N ILE A 76 2.05 -11.34 7.11
CA ILE A 76 2.88 -12.23 6.30
C ILE A 76 4.34 -11.83 6.25
N PHE A 77 4.61 -10.56 5.95
CA PHE A 77 6.02 -10.18 5.72
C PHE A 77 6.91 -9.82 6.88
N PRO A 78 6.36 -9.35 8.01
CA PRO A 78 7.25 -9.05 9.13
C PRO A 78 8.09 -10.28 9.41
N GLY A 79 7.51 -11.42 9.09
CA GLY A 79 8.21 -12.67 9.28
C GLY A 79 8.85 -13.11 7.98
N PHE A 80 10.01 -12.57 7.69
CA PHE A 80 10.69 -12.93 6.45
C PHE A 80 12.12 -12.41 6.38
N GLU A 81 13.04 -13.36 6.47
CA GLU A 81 14.48 -13.09 6.46
C GLU A 81 14.93 -12.52 5.12
N ALA A 82 15.74 -11.46 5.23
CA ALA A 82 16.24 -10.72 4.07
C ALA A 82 17.40 -11.44 3.44
N ASP A 83 18.01 -12.28 4.25
CA ASP A 83 19.19 -13.07 3.87
C ASP A 83 19.01 -14.53 4.20
N PRO A 84 18.10 -15.20 3.50
CA PRO A 84 17.88 -16.60 3.78
C PRO A 84 19.04 -17.47 3.34
N GLN A 85 19.20 -18.59 4.01
CA GLN A 85 20.24 -19.56 3.63
C GLN A 85 19.81 -20.30 2.37
N ASP A 86 18.50 -20.33 2.14
CA ASP A 86 17.98 -21.01 0.97
C ASP A 86 16.83 -20.18 0.46
N ALA A 87 17.14 -19.32 -0.49
CA ALA A 87 16.15 -18.36 -1.00
C ALA A 87 14.97 -19.05 -1.63
N ALA A 88 15.17 -20.14 -2.33
CA ALA A 88 14.06 -20.82 -3.00
C ALA A 88 13.12 -21.40 -1.94
N ALA A 89 13.70 -21.98 -0.90
CA ALA A 89 12.90 -22.51 0.20
C ALA A 89 12.08 -21.41 0.90
N ALA A 90 12.69 -20.26 1.08
CA ALA A 90 12.05 -19.12 1.72
C ALA A 90 10.89 -18.60 0.85
N LEU A 91 11.14 -18.56 -0.44
CA LEU A 91 10.13 -18.13 -1.41
C LEU A 91 8.92 -19.05 -1.34
N GLU A 92 9.15 -20.34 -1.22
CA GLU A 92 8.04 -21.29 -1.10
C GLU A 92 7.22 -20.98 0.11
N ARG A 93 7.89 -20.73 1.22
CA ARG A 93 7.16 -20.42 2.45
C ARG A 93 6.33 -19.15 2.31
N ILE A 94 6.92 -18.11 1.73
CA ILE A 94 6.20 -16.83 1.57
C ILE A 94 4.92 -17.00 0.71
N VAL A 95 5.07 -17.67 -0.42
CA VAL A 95 3.97 -17.82 -1.36
C VAL A 95 2.87 -18.66 -0.71
N TYR A 96 3.26 -19.72 -0.01
CA TYR A 96 2.29 -20.55 0.69
C TYR A 96 1.49 -19.72 1.67
N ASP A 97 2.19 -18.87 2.41
CA ASP A 97 1.52 -18.02 3.41
C ASP A 97 0.56 -17.04 2.76
N ILE A 98 0.93 -16.46 1.63
CA ILE A 98 0.05 -15.53 0.93
C ILE A 98 -1.17 -16.33 0.47
N ALA A 99 -0.94 -17.53 -0.06
CA ALA A 99 -2.05 -18.36 -0.55
C ALA A 99 -3.08 -18.66 0.55
N GLN A 100 -2.59 -19.03 1.72
CA GLN A 100 -3.50 -19.36 2.85
C GLN A 100 -4.36 -18.14 3.19
N ALA A 101 -3.79 -16.97 3.08
CA ALA A 101 -4.41 -15.71 3.46
C ALA A 101 -5.49 -15.27 2.49
N VAL A 102 -5.31 -15.56 1.23
CA VAL A 102 -6.19 -15.04 0.18
C VAL A 102 -7.09 -16.07 -0.49
N LEU A 103 -6.91 -17.33 -0.10
CA LEU A 103 -7.70 -18.43 -0.65
C LEU A 103 -8.53 -19.13 0.43
N SER A 104 -8.66 -18.46 1.56
CA SER A 104 -9.48 -18.97 2.66
C SER A 104 -10.94 -18.86 2.29
N ARG A 105 -11.81 -19.48 3.08
CA ARG A 105 -13.25 -19.41 2.77
C ARG A 105 -13.75 -17.96 2.77
N GLU A 106 -13.27 -17.20 3.74
CA GLU A 106 -13.66 -15.81 3.93
C GLU A 106 -13.18 -14.93 2.78
N ALA A 107 -11.94 -15.16 2.37
CA ALA A 107 -11.36 -14.37 1.29
C ALA A 107 -12.07 -14.66 -0.03
N VAL A 108 -12.31 -15.94 -0.32
CA VAL A 108 -13.02 -16.26 -1.57
C VAL A 108 -14.46 -15.77 -1.54
N SER A 109 -15.10 -15.85 -0.39
CA SER A 109 -16.48 -15.36 -0.29
CA SER A 109 -16.48 -15.37 -0.31
C SER A 109 -16.55 -13.90 -0.65
N LEU A 110 -15.54 -13.14 -0.21
CA LEU A 110 -15.52 -11.69 -0.47
C LEU A 110 -15.30 -11.42 -1.94
N PHE A 111 -14.42 -12.18 -2.55
CA PHE A 111 -14.21 -12.07 -3.98
C PHE A 111 -15.49 -12.36 -4.74
N ARG A 112 -16.15 -13.46 -4.35
CA ARG A 112 -17.39 -13.89 -4.98
C ARG A 112 -18.50 -12.80 -4.84
N LEU A 114 -18.06 -9.56 -4.59
CA LEU A 114 -17.77 -8.46 -5.45
C LEU A 114 -18.00 -8.84 -6.91
N ALA A 115 -17.63 -10.07 -7.26
CA ALA A 115 -17.86 -10.53 -8.63
C ALA A 115 -19.36 -10.52 -8.99
N SER A 116 -20.18 -10.67 -7.97
CA SER A 116 -21.63 -10.85 -8.14
C SER A 116 -22.46 -9.61 -8.11
N ASP A 117 -21.90 -8.49 -7.72
CA ASP A 117 -22.70 -7.28 -7.50
C ASP A 117 -21.95 -6.04 -7.88
N ALA A 118 -22.35 -5.45 -9.00
CA ALA A 118 -21.74 -4.26 -9.56
C ALA A 118 -21.73 -3.08 -8.60
N ASP A 119 -22.79 -2.97 -7.79
CA ASP A 119 -22.89 -1.86 -6.81
C ASP A 119 -21.82 -2.03 -5.75
N LEU A 120 -21.68 -3.26 -5.30
CA LEU A 120 -20.66 -3.57 -4.29
C LEU A 120 -19.26 -3.33 -4.85
N ARG A 121 -19.02 -3.70 -6.09
CA ARG A 121 -17.70 -3.41 -6.68
C ARG A 121 -17.48 -1.90 -6.70
N ASN A 122 -18.48 -1.18 -7.16
CA ASN A 122 -18.33 0.26 -7.25
C ASN A 122 -17.96 0.86 -5.87
N ARG A 123 -18.57 0.33 -4.82
CA ARG A 123 -18.35 0.84 -3.47
C ARG A 123 -17.04 0.39 -2.85
N PHE A 124 -16.71 -0.87 -3.06
CA PHE A 124 -15.59 -1.53 -2.32
C PHE A 124 -14.35 -1.91 -3.08
N LEU A 125 -14.41 -1.91 -4.40
CA LEU A 125 -13.24 -2.38 -5.16
C LEU A 125 -11.94 -1.63 -4.83
N PRO A 126 -11.98 -0.29 -4.80
CA PRO A 126 -10.71 0.42 -4.52
C PRO A 126 -10.05 -0.03 -3.21
N ALA A 127 -10.84 -0.16 -2.15
CA ALA A 127 -10.26 -0.56 -0.88
C ALA A 127 -9.77 -1.99 -0.89
N TYR A 128 -10.54 -2.83 -1.55
CA TYR A 128 -10.23 -4.24 -1.67
C TYR A 128 -8.92 -4.45 -2.40
N ASN A 129 -8.83 -3.75 -3.52
CA ASN A 129 -7.68 -3.81 -4.42
C ASN A 129 -6.42 -3.28 -3.78
N ALA A 130 -6.55 -2.19 -3.08
CA ALA A 130 -5.36 -1.49 -2.56
C ALA A 130 -4.76 -2.24 -1.41
N ASN A 131 -5.61 -2.97 -0.71
CA ASN A 131 -5.18 -3.56 0.56
C ASN A 131 -4.89 -5.04 0.55
N GLY A 132 -5.14 -5.64 -0.60
CA GLY A 132 -4.92 -7.04 -0.75
C GLY A 132 -3.73 -7.49 -1.55
N ILE A 133 -4.03 -8.34 -2.50
CA ILE A 133 -3.00 -9.02 -3.32
C ILE A 133 -2.00 -8.03 -3.89
N GLU A 134 -2.46 -6.86 -4.25
CA GLU A 134 -1.58 -5.75 -4.71
C GLU A 134 -0.47 -5.37 -3.71
N ARG A 135 -0.81 -5.30 -2.43
CA ARG A 135 0.18 -5.08 -1.38
C ARG A 135 1.12 -6.26 -1.28
N SER A 136 0.59 -7.48 -1.31
CA SER A 136 1.45 -8.67 -1.20
C SER A 136 2.39 -8.76 -2.39
N ARG A 137 1.88 -8.42 -3.56
CA ARG A 137 2.68 -8.42 -4.78
C ARG A 137 3.83 -7.43 -4.66
N ARG A 138 3.56 -6.26 -4.10
CA ARG A 138 4.58 -5.23 -3.96
C ARG A 138 5.65 -5.70 -2.97
N GLU A 139 5.21 -6.31 -1.88
CA GLU A 139 6.13 -6.80 -0.83
CA GLU A 139 6.14 -6.78 -0.85
C GLU A 139 6.96 -7.94 -1.41
N LEU A 140 6.32 -8.80 -2.17
CA LEU A 140 7.03 -9.93 -2.74
C LEU A 140 8.05 -9.46 -3.77
N ALA A 141 7.66 -8.50 -4.60
CA ALA A 141 8.56 -7.93 -5.61
C ALA A 141 9.80 -7.38 -4.94
N ARG A 142 9.63 -6.68 -3.84
CA ARG A 142 10.76 -6.10 -3.10
C ARG A 142 11.69 -7.16 -2.61
N TRP A 143 11.12 -8.21 -2.03
CA TRP A 143 11.92 -9.33 -1.54
C TRP A 143 12.64 -10.05 -2.69
N LEU A 144 11.94 -10.32 -3.78
CA LEU A 144 12.57 -10.93 -4.94
C LEU A 144 13.69 -10.05 -5.49
N ASP A 145 13.51 -8.75 -5.50
CA ASP A 145 14.53 -7.85 -6.03
C ASP A 145 15.78 -7.94 -5.17
N GLN A 146 15.59 -8.03 -3.87
CA GLN A 146 16.70 -8.17 -2.93
CA GLN A 146 16.72 -8.14 -2.95
C GLN A 146 17.45 -9.46 -3.17
N GLN A 147 16.71 -10.55 -3.40
CA GLN A 147 17.37 -11.86 -3.60
C GLN A 147 18.09 -11.93 -4.95
N ALA A 148 17.56 -11.21 -5.93
CA ALA A 148 18.17 -11.18 -7.27
C ALA A 148 19.44 -10.34 -7.20
N SER A 149 19.34 -9.20 -6.53
CA SER A 149 20.47 -8.26 -6.43
C SER A 149 21.63 -8.90 -5.71
N ALA A 150 21.31 -9.76 -4.76
CA ALA A 150 22.31 -10.46 -3.97
C ALA A 150 22.78 -11.76 -4.58
N GLY A 151 22.24 -12.09 -5.74
CA GLY A 151 22.62 -13.29 -6.47
C GLY A 151 22.08 -14.60 -5.93
N ARG A 152 21.18 -14.52 -4.93
CA ARG A 152 20.62 -15.73 -4.33
C ARG A 152 19.56 -16.35 -5.18
N LEU A 153 18.87 -15.51 -5.92
CA LEU A 153 17.77 -15.93 -6.79
C LEU A 153 17.79 -15.09 -8.05
N PRO A 154 18.69 -15.41 -9.00
CA PRO A 154 18.71 -14.64 -10.22
C PRO A 154 17.37 -14.76 -10.96
N LEU A 155 16.99 -13.68 -11.64
CA LEU A 155 15.72 -13.63 -12.41
C LEU A 155 16.00 -13.12 -13.81
N PRO A 156 15.29 -13.60 -14.82
CA PRO A 156 15.54 -13.16 -16.20
C PRO A 156 14.74 -11.95 -16.64
N ILE A 157 13.80 -11.57 -15.79
CA ILE A 157 12.97 -10.42 -16.04
C ILE A 157 12.83 -9.65 -14.73
N PRO A 158 12.27 -8.43 -14.77
CA PRO A 158 12.20 -7.69 -13.53
C PRO A 158 11.43 -8.38 -12.43
N ALA A 159 11.86 -8.12 -11.21
CA ALA A 159 11.25 -8.72 -9.99
C ALA A 159 9.77 -8.48 -9.88
N GLU A 160 9.31 -7.29 -10.25
CA GLU A 160 7.87 -7.01 -10.19
C GLU A 160 7.09 -7.94 -11.12
N ARG A 161 7.64 -8.23 -12.27
CA ARG A 161 6.99 -9.12 -13.23
C ARG A 161 6.96 -10.53 -12.69
N VAL A 162 8.07 -10.99 -12.13
CA VAL A 162 8.12 -12.32 -11.57
C VAL A 162 7.11 -12.44 -10.43
N ALA A 163 7.01 -11.43 -9.57
CA ALA A 163 6.02 -11.51 -8.46
C ALA A 163 4.60 -11.68 -8.98
N ASP A 164 4.28 -10.90 -9.98
CA ASP A 164 2.95 -10.93 -10.60
C ASP A 164 2.67 -12.29 -11.23
N LEU A 165 3.62 -12.78 -12.02
CA LEU A 165 3.41 -14.06 -12.73
C LEU A 165 3.34 -15.25 -11.78
N LEU A 166 4.16 -15.19 -10.75
CA LEU A 166 4.24 -16.29 -9.77
C LEU A 166 2.93 -16.33 -8.94
N LEU A 167 2.45 -15.18 -8.46
CA LEU A 167 1.18 -15.16 -7.69
C LEU A 167 -0.01 -15.52 -8.60
N SER A 168 0.06 -15.16 -9.86
CA SER A 168 -1.02 -15.52 -10.81
CA SER A 168 -1.00 -15.51 -10.75
C SER A 168 -1.06 -17.02 -10.97
N ALA A 169 0.11 -17.60 -11.20
CA ALA A 169 0.24 -19.03 -11.41
C ALA A 169 -0.22 -19.83 -10.22
N VAL A 170 0.27 -19.45 -9.06
CA VAL A 170 -0.01 -20.25 -7.87
C VAL A 170 -1.32 -19.96 -7.20
N ILE A 171 -1.76 -18.70 -7.25
CA ILE A 171 -2.93 -18.29 -6.50
C ILE A 171 -4.15 -17.91 -7.29
N ALA A 172 -3.97 -17.09 -8.29
CA ALA A 172 -5.20 -16.61 -9.01
C ALA A 172 -5.95 -17.77 -9.71
N GLU A 173 -5.21 -18.77 -10.13
CA GLU A 173 -5.85 -19.95 -10.72
C GLU A 173 -6.70 -20.76 -9.66
N PRO A 174 -6.11 -21.13 -8.53
CA PRO A 174 -6.95 -21.71 -7.49
C PRO A 174 -8.10 -20.79 -7.10
N LEU A 175 -7.93 -19.48 -7.14
CA LEU A 175 -9.04 -18.58 -6.81
C LEU A 175 -10.21 -18.86 -7.76
N ARG A 176 -9.92 -19.00 -9.06
CA ARG A 176 -10.95 -19.33 -10.04
C ARG A 176 -11.65 -20.64 -9.68
N GLN A 177 -10.83 -21.61 -9.37
CA GLN A 177 -11.38 -22.93 -9.03
C GLN A 177 -12.28 -22.90 -7.80
N ILE A 178 -11.85 -22.21 -6.79
CA ILE A 178 -12.59 -22.20 -5.52
C ILE A 178 -13.90 -21.40 -5.70
N THR A 179 -13.77 -20.30 -6.40
CA THR A 179 -14.92 -19.45 -6.74
C THR A 179 -16.02 -20.30 -7.33
N LEU A 180 -15.63 -21.15 -8.29
CA LEU A 180 -16.57 -22.03 -9.01
C LEU A 180 -17.00 -23.29 -8.23
N GLY A 181 -16.37 -23.56 -7.11
CA GLY A 181 -16.68 -24.77 -6.34
C GLY A 181 -15.97 -26.01 -6.88
N LEU A 182 -15.05 -25.83 -7.85
CA LEU A 182 -14.21 -26.94 -8.39
C LEU A 182 -13.32 -27.50 -7.32
N ARG A 183 -12.93 -26.62 -6.39
CA ARG A 183 -12.13 -26.96 -5.22
C ARG A 183 -12.68 -26.25 -3.99
N GLU A 184 -12.40 -26.81 -2.84
CA GLU A 184 -12.78 -26.19 -1.59
C GLU A 184 -11.77 -25.12 -1.20
N PRO A 185 -12.15 -24.19 -0.32
CA PRO A 185 -11.17 -23.18 0.05
C PRO A 185 -9.99 -23.78 0.81
N LEU A 186 -8.85 -23.13 0.72
CA LEU A 186 -7.73 -23.54 1.58
C LEU A 186 -8.18 -23.38 3.05
N PRO A 187 -7.68 -24.22 3.96
CA PRO A 187 -6.64 -25.22 3.82
C PRO A 187 -7.15 -26.65 3.56
N ALA A 188 -8.28 -26.78 2.90
CA ALA A 188 -8.89 -28.10 2.66
C ALA A 188 -8.05 -29.01 1.80
N TRP A 189 -7.23 -28.40 0.96
CA TRP A 189 -6.32 -29.14 0.08
C TRP A 189 -4.95 -28.50 0.17
N ASP A 190 -3.96 -29.30 -0.20
CA ASP A 190 -2.58 -28.93 -0.06
C ASP A 190 -2.05 -28.16 -1.27
N ILE A 191 -1.72 -26.88 -1.06
CA ILE A 191 -1.16 -26.03 -2.13
C ILE A 191 0.36 -26.04 -2.17
N ALA A 192 0.97 -26.75 -1.24
CA ALA A 192 2.44 -26.79 -1.23
C ALA A 192 3.05 -27.36 -2.52
N PRO A 193 2.46 -28.44 -3.10
CA PRO A 193 3.06 -28.94 -4.33
C PRO A 193 3.03 -27.91 -5.49
N ARG A 194 1.92 -27.19 -5.58
CA ARG A 194 1.80 -26.16 -6.62
C ARG A 194 2.85 -25.04 -6.41
N VAL A 195 3.04 -24.68 -5.15
CA VAL A 195 4.02 -23.64 -4.79
C VAL A 195 5.42 -24.12 -5.20
N ALA A 196 5.70 -25.37 -4.87
CA ALA A 196 7.02 -25.93 -5.14
C ALA A 196 7.31 -25.99 -6.63
N ASP A 197 6.33 -26.46 -7.38
CA ASP A 197 6.45 -26.56 -8.84
C ASP A 197 6.67 -25.19 -9.49
N ALA A 198 5.92 -24.20 -9.03
CA ALA A 198 6.04 -22.84 -9.55
C ALA A 198 7.45 -22.29 -9.24
N VAL A 199 7.93 -22.52 -8.04
CA VAL A 199 9.25 -21.99 -7.64
C VAL A 199 10.38 -22.74 -8.38
N ARG A 200 10.15 -23.99 -8.70
CA ARG A 200 11.19 -24.78 -9.38
C ARG A 200 11.40 -24.23 -10.75
N LEU A 201 10.35 -23.67 -11.32
CA LEU A 201 10.43 -23.09 -12.67
C LEU A 201 11.28 -21.84 -12.65
N ILE A 202 11.33 -21.22 -11.49
CA ILE A 202 12.13 -20.02 -11.28
C ILE A 202 13.51 -20.46 -10.87
N ALA A 203 13.63 -20.77 -9.60
CA ALA A 203 14.86 -21.29 -9.03
C ALA A 203 15.05 -22.77 -9.39
N VAL B 13 10.91 -1.65 -25.62
CA VAL B 13 10.93 -0.55 -24.61
C VAL B 13 10.45 -1.11 -23.25
N PRO B 14 11.33 -1.07 -22.23
CA PRO B 14 10.97 -1.66 -20.94
C PRO B 14 9.77 -1.03 -20.31
N ASP B 15 9.05 -1.84 -19.57
CA ASP B 15 7.85 -1.38 -18.85
C ASP B 15 8.15 -0.18 -17.98
N ALA B 16 9.30 -0.18 -17.32
CA ALA B 16 9.61 0.90 -16.38
C ALA B 16 9.76 2.21 -17.12
N VAL B 17 10.23 2.13 -18.34
CA VAL B 17 10.40 3.30 -19.16
C VAL B 17 9.02 3.83 -19.64
N VAL B 18 8.16 2.91 -20.00
CA VAL B 18 6.83 3.29 -20.41
C VAL B 18 6.09 3.92 -19.22
N ARG B 19 6.26 3.36 -18.04
CA ARG B 19 5.58 3.87 -16.87
C ARG B 19 6.07 5.31 -16.61
N GLU B 20 7.37 5.51 -16.69
CA GLU B 20 7.92 6.86 -16.52
C GLU B 20 7.32 7.85 -17.51
N SER B 21 7.15 7.41 -18.76
CA SER B 21 6.58 8.28 -19.80
CA SER B 21 6.59 8.26 -19.80
C SER B 21 5.15 8.63 -19.48
N ILE B 22 4.42 7.65 -18.95
CA ILE B 22 3.06 7.83 -18.56
C ILE B 22 2.97 8.87 -17.43
N VAL B 23 3.77 8.69 -16.39
CA VAL B 23 3.74 9.63 -15.26
C VAL B 23 4.14 11.04 -15.67
N GLY B 24 5.12 11.15 -16.57
CA GLY B 24 5.54 12.48 -17.02
C GLY B 24 4.41 13.14 -17.77
N ALA B 25 3.80 12.37 -18.66
CA ALA B 25 2.66 12.84 -19.43
C ALA B 25 1.49 13.30 -18.56
N ALA B 26 1.14 12.50 -17.57
CA ALA B 26 0.05 12.82 -16.69
C ALA B 26 0.31 14.12 -15.96
N GLN B 27 1.51 14.28 -15.47
CA GLN B 27 1.86 15.51 -14.77
C GLN B 27 1.83 16.73 -15.70
N ARG B 28 2.35 16.58 -16.91
CA ARG B 28 2.35 17.71 -17.81
C ARG B 28 0.94 18.22 -18.08
N LEU B 29 0.04 17.28 -18.32
CA LEU B 29 -1.35 17.60 -18.58
C LEU B 29 -2.06 18.22 -17.37
N LEU B 30 -1.81 17.64 -16.20
CA LEU B 30 -2.40 18.20 -14.96
C LEU B 30 -1.99 19.63 -14.75
N SER B 31 -0.73 19.91 -15.03
CA SER B 31 -0.16 21.25 -14.84
C SER B 31 -0.65 22.24 -15.86
N SER B 32 -0.90 21.77 -17.06
CA SER B 32 -1.31 22.72 -18.12
C SER B 32 -2.79 22.96 -18.16
N GLY B 33 -3.57 21.96 -17.81
CA GLY B 33 -5.01 22.11 -17.91
C GLY B 33 -5.85 21.41 -16.88
N GLY B 34 -5.24 21.06 -15.75
CA GLY B 34 -6.01 20.40 -14.68
C GLY B 34 -6.53 19.02 -14.98
N ALA B 35 -7.45 18.55 -14.15
CA ALA B 35 -7.96 17.20 -14.30
C ALA B 35 -8.60 16.97 -15.66
N ALA B 36 -9.22 18.03 -16.17
CA ALA B 36 -9.91 17.95 -17.46
C ALA B 36 -8.97 17.63 -18.61
N ALA B 37 -7.73 18.07 -18.50
CA ALA B 37 -6.72 17.83 -19.54
C ALA B 37 -6.07 16.45 -19.42
N THR B 39 -6.71 13.33 -19.61
CA THR B 39 -7.53 12.25 -20.11
C THR B 39 -6.63 11.08 -20.52
N GLU B 41 -6.75 9.50 -23.33
CA GLU B 41 -6.31 9.74 -24.70
C GLU B 41 -5.16 10.74 -24.73
N GLY B 42 -5.27 11.78 -23.91
CA GLY B 42 -4.23 12.79 -23.81
C GLY B 42 -2.92 12.27 -23.28
N VAL B 43 -3.01 11.43 -22.24
CA VAL B 43 -1.81 10.83 -21.67
C VAL B 43 -1.12 9.91 -22.69
N ALA B 44 -1.92 9.09 -23.37
CA ALA B 44 -1.35 8.17 -24.37
C ALA B 44 -0.61 8.98 -25.43
N SER B 45 -1.25 10.06 -25.89
CA SER B 45 -0.64 10.91 -26.92
C SER B 45 0.69 11.46 -26.43
N GLU B 46 0.64 12.02 -25.22
CA GLU B 46 1.83 12.63 -24.59
CA GLU B 46 1.85 12.62 -24.60
C GLU B 46 2.96 11.64 -24.31
N ALA B 47 2.59 10.40 -23.96
CA ALA B 47 3.55 9.35 -23.60
C ALA B 47 4.10 8.59 -24.76
N GLY B 48 3.46 8.76 -25.91
CA GLY B 48 3.89 8.08 -27.10
C GLY B 48 3.44 6.65 -27.27
N ILE B 49 2.29 6.30 -26.69
CA ILE B 49 1.84 4.92 -26.74
C ILE B 49 0.39 4.83 -27.15
N ALA B 50 -0.04 3.66 -27.54
CA ALA B 50 -1.44 3.38 -27.85
C ALA B 50 -2.21 2.98 -26.60
N LYS B 51 -3.53 3.11 -26.68
CA LYS B 51 -4.37 2.73 -25.54
C LYS B 51 -4.16 1.32 -25.08
N LYS B 52 -3.99 0.38 -25.99
CA LYS B 52 -3.85 -1.03 -25.59
C LYS B 52 -2.67 -1.20 -24.64
N THR B 53 -1.69 -0.33 -24.77
CA THR B 53 -0.50 -0.35 -23.96
C THR B 53 -0.79 0.40 -22.65
N LEU B 54 -1.35 1.59 -22.77
CA LEU B 54 -1.65 2.41 -21.61
C LEU B 54 -2.47 1.62 -20.59
N TYR B 55 -3.42 0.85 -21.11
CA TYR B 55 -4.36 0.11 -20.27
C TYR B 55 -3.67 -0.97 -19.43
N ARG B 56 -2.47 -1.36 -19.80
CA ARG B 56 -1.72 -2.32 -18.98
C ARG B 56 -1.27 -1.68 -17.67
N PHE B 57 -1.19 -0.34 -17.67
CA PHE B 57 -0.61 0.42 -16.57
C PHE B 57 -1.66 1.17 -15.77
N ALA B 58 -2.71 1.56 -16.47
CA ALA B 58 -3.81 2.35 -15.91
C ALA B 58 -5.11 2.09 -16.63
N SER B 59 -6.18 1.89 -15.87
CA SER B 59 -7.48 1.64 -16.50
C SER B 59 -8.31 2.90 -16.68
N GLY B 60 -7.92 3.92 -15.96
CA GLY B 60 -8.60 5.19 -16.00
C GLY B 60 -7.85 6.27 -15.26
N ARG B 61 -8.47 7.43 -15.15
CA ARG B 61 -7.81 8.59 -14.55
C ARG B 61 -7.39 8.36 -13.10
N ALA B 62 -8.20 7.63 -12.35
CA ALA B 62 -7.82 7.38 -10.94
C ALA B 62 -6.50 6.64 -10.88
N ASP B 63 -6.33 5.68 -11.76
CA ASP B 63 -5.10 4.91 -11.78
C ASP B 63 -3.95 5.82 -12.17
N LEU B 64 -4.18 6.79 -13.07
CA LEU B 64 -3.12 7.71 -13.45
C LEU B 64 -2.63 8.51 -12.23
N ILE B 65 -3.60 8.94 -11.42
CA ILE B 65 -3.29 9.67 -10.21
C ILE B 65 -2.44 8.79 -9.28
N GLY B 66 -2.81 7.52 -9.14
CA GLY B 66 -2.07 6.60 -8.27
C GLY B 66 -0.66 6.43 -8.78
N LEU B 67 -0.49 6.33 -10.09
CA LEU B 67 0.86 6.17 -10.67
C LEU B 67 1.70 7.40 -10.39
N LEU B 68 1.08 8.55 -10.51
CA LEU B 68 1.77 9.83 -10.35
C LEU B 68 2.25 10.01 -8.91
N VAL B 69 1.32 9.81 -7.98
CA VAL B 69 1.64 9.92 -6.57
C VAL B 69 2.69 8.89 -6.15
N GLU B 70 2.54 7.67 -6.67
CA GLU B 70 3.49 6.60 -6.37
C GLU B 70 4.86 7.01 -6.83
N SER B 71 4.96 7.71 -7.97
CA SER B 71 6.27 8.06 -8.54
C SER B 71 7.04 9.03 -7.67
N TRP B 72 6.30 9.74 -6.83
CA TRP B 72 6.92 10.74 -5.97
C TRP B 72 7.54 10.09 -4.78
N ILE B 73 6.96 8.97 -4.35
CA ILE B 73 7.40 8.32 -3.10
C ILE B 73 8.14 7.01 -3.27
N ALA B 74 7.94 6.39 -4.41
CA ALA B 74 8.59 5.08 -4.66
C ALA B 74 10.13 5.14 -4.55
N PRO B 75 10.74 6.21 -5.04
CA PRO B 75 12.20 6.29 -5.02
C PRO B 75 12.84 6.62 -3.68
N ILE B 76 12.02 6.92 -2.69
CA ILE B 76 12.56 7.38 -1.41
C ILE B 76 13.24 6.27 -0.66
N PHE B 77 12.58 5.13 -0.53
CA PHE B 77 13.16 4.07 0.32
C PHE B 77 14.19 3.08 -0.26
N PRO B 78 14.06 2.65 -1.52
CA PRO B 78 15.07 1.68 -2.01
C PRO B 78 16.50 2.16 -1.78
N GLU B 81 20.24 2.95 4.14
CA GLU B 81 20.85 2.20 5.25
C GLU B 81 19.82 1.65 6.23
N ALA B 82 19.76 0.33 6.29
CA ALA B 82 18.89 -0.40 7.23
C ALA B 82 19.69 -0.49 8.53
N ASP B 83 20.96 -0.12 8.41
CA ASP B 83 21.92 -0.15 9.53
C ASP B 83 22.83 1.05 9.67
N PRO B 84 22.28 2.26 9.68
CA PRO B 84 23.11 3.46 9.84
C PRO B 84 23.78 3.53 11.19
N GLN B 85 24.89 4.26 11.26
CA GLN B 85 25.57 4.39 12.54
C GLN B 85 24.94 5.51 13.33
N ASP B 86 24.41 6.49 12.60
CA ASP B 86 23.72 7.63 13.22
C ASP B 86 22.28 7.59 12.72
N ALA B 87 21.44 6.87 13.46
CA ALA B 87 20.05 6.64 13.09
C ALA B 87 19.25 7.94 12.98
N ALA B 88 19.56 8.89 13.87
CA ALA B 88 18.84 10.14 13.89
C ALA B 88 19.15 10.93 12.65
N ALA B 89 20.40 10.94 12.23
CA ALA B 89 20.80 11.70 11.06
C ALA B 89 20.15 11.06 9.81
N ALA B 90 20.09 9.74 9.78
CA ALA B 90 19.48 9.01 8.66
C ALA B 90 17.97 9.33 8.61
N LEU B 91 17.40 9.45 9.78
CA LEU B 91 15.95 9.72 9.91
C LEU B 91 15.68 11.12 9.34
N GLU B 92 16.55 12.06 9.67
CA GLU B 92 16.39 13.44 9.18
C GLU B 92 16.43 13.45 7.66
N ARG B 93 17.32 12.64 7.08
CA ARG B 93 17.41 12.61 5.63
C ARG B 93 16.18 12.03 5.00
N ILE B 94 15.65 10.95 5.57
CA ILE B 94 14.45 10.29 5.05
C ILE B 94 13.25 11.23 5.10
N VAL B 95 13.04 11.84 6.25
CA VAL B 95 11.88 12.75 6.43
C VAL B 95 11.96 13.97 5.51
N TYR B 96 13.14 14.53 5.38
CA TYR B 96 13.39 15.63 4.47
C TYR B 96 13.00 15.24 3.05
N ASP B 97 13.43 14.06 2.62
CA ASP B 97 13.13 13.62 1.26
C ASP B 97 11.63 13.42 1.05
N ILE B 98 10.95 12.87 2.07
CA ILE B 98 9.50 12.66 2.00
C ILE B 98 8.82 14.03 1.88
N ALA B 99 9.25 14.96 2.71
CA ALA B 99 8.69 16.29 2.68
C ALA B 99 8.87 16.96 1.31
N GLN B 100 10.05 16.83 0.71
CA GLN B 100 10.29 17.45 -0.57
C GLN B 100 9.34 16.87 -1.61
N ALA B 101 9.03 15.59 -1.42
CA ALA B 101 8.15 14.87 -2.36
C ALA B 101 6.67 15.25 -2.27
N VAL B 102 6.20 15.56 -1.07
CA VAL B 102 4.77 15.78 -0.87
C VAL B 102 4.43 17.27 -0.67
N LEU B 103 5.44 18.14 -0.65
CA LEU B 103 5.23 19.60 -0.50
C LEU B 103 5.74 20.40 -1.70
N SER B 104 6.01 19.69 -2.81
CA SER B 104 6.37 20.35 -4.05
C SER B 104 5.17 21.05 -4.62
N ARG B 105 5.41 21.88 -5.62
CA ARG B 105 4.31 22.62 -6.23
C ARG B 105 3.29 21.65 -6.84
N GLU B 106 3.80 20.58 -7.43
CA GLU B 106 2.91 19.63 -8.10
C GLU B 106 2.10 18.89 -7.07
N ALA B 107 2.74 18.51 -5.98
CA ALA B 107 2.05 17.75 -4.92
C ALA B 107 0.98 18.62 -4.27
N VAL B 108 1.32 19.87 -3.94
CA VAL B 108 0.31 20.70 -3.29
C VAL B 108 -0.78 21.11 -4.26
N SER B 109 -0.44 21.27 -5.52
CA SER B 109 -1.52 21.58 -6.49
C SER B 109 -2.55 20.44 -6.57
N LEU B 110 -2.06 19.20 -6.53
CA LEU B 110 -2.96 18.03 -6.59
C LEU B 110 -3.84 18.03 -5.35
N PHE B 111 -3.22 18.26 -4.18
CA PHE B 111 -4.00 18.32 -2.95
C PHE B 111 -5.10 19.38 -3.03
N ARG B 112 -4.73 20.55 -3.53
CA ARG B 112 -5.66 21.65 -3.65
C ARG B 112 -6.81 21.31 -4.61
N LEU B 114 -8.08 18.39 -5.19
CA LEU B 114 -9.01 17.46 -4.54
C LEU B 114 -9.80 18.15 -3.43
N ALA B 115 -9.15 19.05 -2.70
CA ALA B 115 -9.83 19.83 -1.64
C ALA B 115 -10.97 20.68 -2.23
N SER B 116 -10.80 21.05 -3.48
CA SER B 116 -11.71 21.97 -4.15
C SER B 116 -12.86 21.38 -4.93
N ASP B 117 -12.87 20.07 -5.13
CA ASP B 117 -13.89 19.44 -6.00
C ASP B 117 -14.31 18.06 -5.48
N ALA B 118 -15.53 18.03 -4.97
CA ALA B 118 -16.05 16.81 -4.38
C ALA B 118 -16.10 15.66 -5.38
N ASP B 119 -16.38 15.97 -6.63
CA ASP B 119 -16.48 14.95 -7.68
C ASP B 119 -15.11 14.37 -7.93
N LEU B 120 -14.10 15.24 -7.91
CA LEU B 120 -12.72 14.76 -8.16
C LEU B 120 -12.27 13.91 -6.98
N ARG B 121 -12.66 14.29 -5.77
CA ARG B 121 -12.37 13.46 -4.60
C ARG B 121 -13.07 12.14 -4.75
N ASN B 122 -14.34 12.20 -5.17
CA ASN B 122 -15.09 10.97 -5.32
C ASN B 122 -14.40 10.03 -6.29
N ARG B 123 -13.92 10.58 -7.40
CA ARG B 123 -13.24 9.76 -8.40
C ARG B 123 -11.81 9.35 -8.03
N PHE B 124 -11.04 10.27 -7.46
CA PHE B 124 -9.58 10.03 -7.26
C PHE B 124 -9.06 9.80 -5.86
N LEU B 125 -9.86 10.08 -4.83
CA LEU B 125 -9.29 9.99 -3.50
C LEU B 125 -8.73 8.60 -3.13
N PRO B 126 -9.45 7.51 -3.49
CA PRO B 126 -8.86 6.24 -3.06
C PRO B 126 -7.44 5.98 -3.62
N ALA B 127 -7.24 6.30 -4.90
CA ALA B 127 -5.93 6.13 -5.54
C ALA B 127 -4.86 7.05 -4.94
N TYR B 128 -5.24 8.27 -4.72
CA TYR B 128 -4.40 9.30 -4.14
C TYR B 128 -3.95 8.91 -2.74
N ASN B 129 -4.91 8.46 -1.92
CA ASN B 129 -4.59 8.09 -0.54
C ASN B 129 -3.76 6.80 -0.44
N ALA B 130 -4.09 5.83 -1.29
CA ALA B 130 -3.43 4.54 -1.21
C ALA B 130 -2.00 4.61 -1.63
N ASN B 131 -1.68 5.55 -2.52
CA ASN B 131 -0.35 5.55 -3.13
C ASN B 131 0.63 6.61 -2.69
N GLY B 132 0.14 7.45 -1.78
CA GLY B 132 0.89 8.59 -1.25
C GLY B 132 1.48 8.43 0.14
N ILE B 133 1.31 9.47 0.92
CA ILE B 133 1.89 9.59 2.27
C ILE B 133 1.66 8.35 3.14
N GLU B 134 0.59 7.65 2.88
CA GLU B 134 0.24 6.40 3.58
C GLU B 134 1.28 5.32 3.36
N ARG B 135 1.78 5.26 2.14
CA ARG B 135 2.84 4.34 1.78
CA ARG B 135 2.81 4.28 1.83
C ARG B 135 4.13 4.69 2.49
N SER B 136 4.44 5.97 2.44
CA SER B 136 5.67 6.48 3.07
CA SER B 136 5.69 6.45 3.06
C SER B 136 5.60 6.25 4.57
N ARG B 137 4.41 6.43 5.11
CA ARG B 137 4.20 6.21 6.54
C ARG B 137 4.50 4.73 6.89
N ARG B 138 4.00 3.82 6.08
CA ARG B 138 4.18 2.37 6.35
C ARG B 138 5.65 1.98 6.25
N GLU B 139 6.30 2.54 5.23
CA GLU B 139 7.72 2.29 5.01
CA GLU B 139 7.71 2.25 5.02
C GLU B 139 8.57 2.83 6.15
N LEU B 140 8.26 4.05 6.56
CA LEU B 140 8.99 4.64 7.65
C LEU B 140 8.76 3.86 8.94
N ALA B 141 7.56 3.34 9.17
CA ALA B 141 7.25 2.58 10.39
C ALA B 141 8.17 1.35 10.47
N ARG B 142 8.32 0.69 9.33
CA ARG B 142 9.16 -0.52 9.23
C ARG B 142 10.59 -0.21 9.57
N TRP B 143 11.06 0.89 9.00
CA TRP B 143 12.44 1.31 9.20
C TRP B 143 12.66 1.65 10.66
N LEU B 144 11.71 2.38 11.23
CA LEU B 144 11.84 2.76 12.63
C LEU B 144 11.89 1.54 13.52
N ASP B 145 11.11 0.52 13.18
CA ASP B 145 11.07 -0.69 14.03
C ASP B 145 12.44 -1.35 14.07
N GLN B 146 13.10 -1.30 12.94
CA GLN B 146 14.43 -1.91 12.80
C GLN B 146 15.43 -1.20 13.72
N GLN B 147 15.36 0.13 13.73
CA GLN B 147 16.34 0.89 14.49
C GLN B 147 16.06 0.74 15.98
N ALA B 148 14.79 0.55 16.31
CA ALA B 148 14.42 0.44 17.71
C ALA B 148 14.94 -0.90 18.19
N SER B 149 14.85 -1.88 17.30
CA SER B 149 15.23 -3.25 17.64
C SER B 149 16.72 -3.37 17.87
N ALA B 150 17.45 -2.49 17.21
CA ALA B 150 18.90 -2.55 17.23
C ALA B 150 19.40 -1.66 18.35
N GLY B 151 18.42 -1.14 19.08
CA GLY B 151 18.69 -0.27 20.22
C GLY B 151 19.31 1.00 19.69
N ARG B 152 19.07 1.23 18.41
CA ARG B 152 19.66 2.37 17.72
C ARG B 152 18.78 3.60 17.82
N LEU B 153 17.48 3.35 17.95
CA LEU B 153 16.46 4.40 18.05
C LEU B 153 15.27 3.98 18.90
N PRO B 154 15.42 4.05 20.22
CA PRO B 154 14.32 3.67 21.07
C PRO B 154 13.11 4.59 20.96
N LEU B 155 11.94 3.96 21.02
CA LEU B 155 10.64 4.61 20.90
C LEU B 155 9.69 4.28 22.05
N PRO B 156 9.01 5.29 22.59
CA PRO B 156 8.11 5.13 23.71
C PRO B 156 6.72 4.59 23.34
N ILE B 157 6.42 4.65 22.05
CA ILE B 157 5.14 4.15 21.51
C ILE B 157 5.44 3.37 20.22
N PRO B 158 4.43 2.65 19.69
CA PRO B 158 4.67 1.86 18.50
C PRO B 158 5.19 2.68 17.33
N ALA B 159 6.04 2.06 16.53
CA ALA B 159 6.66 2.72 15.37
C ALA B 159 5.67 3.32 14.41
N GLU B 160 4.55 2.67 14.21
CA GLU B 160 3.53 3.18 13.27
C GLU B 160 3.01 4.52 13.76
N ARG B 161 2.91 4.65 15.09
CA ARG B 161 2.43 5.91 15.68
C ARG B 161 3.50 6.99 15.56
N VAL B 162 4.75 6.62 15.84
CA VAL B 162 5.88 7.54 15.70
C VAL B 162 5.98 8.05 14.25
N ALA B 163 5.91 7.12 13.31
CA ALA B 163 5.94 7.50 11.86
C ALA B 163 4.91 8.56 11.49
N ASP B 164 3.68 8.29 11.90
CA ASP B 164 2.54 9.15 11.64
C ASP B 164 2.77 10.51 12.30
N LEU B 165 3.07 10.51 13.58
CA LEU B 165 3.21 11.78 14.31
C LEU B 165 4.39 12.60 13.83
N LEU B 166 5.51 11.93 13.54
CA LEU B 166 6.72 12.58 13.06
C LEU B 166 6.48 13.25 11.71
N LEU B 167 5.99 12.44 10.78
CA LEU B 167 5.69 12.94 9.46
C LEU B 167 4.67 14.08 9.54
N SER B 168 3.66 13.93 10.40
CA SER B 168 2.62 14.94 10.57
CA SER B 168 2.63 14.93 10.56
C SER B 168 3.20 16.23 11.14
N ALA B 169 4.08 16.08 12.11
CA ALA B 169 4.76 17.22 12.78
C ALA B 169 5.49 18.07 11.74
N VAL B 170 6.17 17.38 10.84
CA VAL B 170 6.99 18.08 9.87
C VAL B 170 6.26 18.61 8.70
N ILE B 171 5.32 17.82 8.19
CA ILE B 171 4.73 18.10 6.89
C ILE B 171 3.38 18.74 6.93
N ALA B 172 2.59 18.46 7.96
CA ALA B 172 1.18 18.87 7.89
C ALA B 172 0.89 20.33 7.91
N GLU B 173 1.50 21.03 8.85
CA GLU B 173 1.33 22.45 8.97
C GLU B 173 1.86 23.09 7.68
N PRO B 174 3.07 22.73 7.20
CA PRO B 174 3.51 23.29 5.94
C PRO B 174 2.52 23.06 4.80
N LEU B 175 1.95 21.87 4.70
CA LEU B 175 0.94 21.62 3.64
C LEU B 175 -0.20 22.65 3.75
N ARG B 176 -0.69 22.84 4.97
CA ARG B 176 -1.76 23.79 5.25
C ARG B 176 -1.34 25.21 4.77
N GLN B 177 -0.14 25.60 5.16
CA GLN B 177 0.42 26.90 4.82
C GLN B 177 0.54 27.09 3.31
N ILE B 178 1.06 26.10 2.64
CA ILE B 178 1.30 26.23 1.17
C ILE B 178 -0.02 26.26 0.43
N THR B 179 -0.96 25.44 0.90
CA THR B 179 -2.29 25.35 0.28
C THR B 179 -2.94 26.71 0.30
N LEU B 180 -2.76 27.43 1.41
CA LEU B 180 -3.36 28.75 1.60
C LEU B 180 -2.51 29.90 1.06
N GLY B 181 -1.34 29.59 0.58
CA GLY B 181 -0.48 30.61 -0.01
C GLY B 181 0.26 31.43 1.04
N LEU B 182 0.28 30.92 2.27
CA LEU B 182 1.02 31.56 3.40
C LEU B 182 2.51 31.39 3.22
N ARG B 183 2.87 30.33 2.50
CA ARG B 183 4.22 30.03 2.07
C ARG B 183 4.18 29.45 0.69
N GLU B 184 5.31 29.56 -0.03
CA GLU B 184 5.42 28.92 -1.36
C GLU B 184 5.80 27.43 -1.19
N PRO B 185 5.62 26.64 -2.25
CA PRO B 185 5.96 25.22 -2.16
C PRO B 185 7.43 25.01 -1.96
N LEU B 186 7.79 23.86 -1.39
CA LEU B 186 9.21 23.44 -1.32
C LEU B 186 9.64 23.34 -2.78
N PRO B 187 10.91 23.61 -3.08
CA PRO B 187 11.98 23.90 -2.16
C PRO B 187 12.29 25.38 -1.96
N ALA B 188 11.27 26.24 -2.04
CA ALA B 188 11.50 27.69 -1.95
C ALA B 188 12.01 28.13 -0.59
N TRP B 189 11.68 27.34 0.42
CA TRP B 189 12.06 27.66 1.80
C TRP B 189 12.70 26.41 2.38
N ASP B 190 13.48 26.59 3.44
CA ASP B 190 14.28 25.52 4.03
C ASP B 190 13.55 24.77 5.14
N ILE B 191 13.21 23.51 4.85
CA ILE B 191 12.53 22.65 5.86
C ILE B 191 13.46 21.84 6.73
N ALA B 192 14.74 21.92 6.42
CA ALA B 192 15.71 21.17 7.24
C ALA B 192 15.67 21.47 8.75
N PRO B 193 15.56 22.73 9.14
CA PRO B 193 15.49 23.03 10.57
C PRO B 193 14.27 22.38 11.21
N ARG B 194 13.15 22.41 10.52
CA ARG B 194 11.92 21.83 11.07
C ARG B 194 12.10 20.31 11.22
N VAL B 195 12.73 19.68 10.20
CA VAL B 195 12.97 18.26 10.29
C VAL B 195 13.87 17.93 11.48
N ALA B 196 14.93 18.71 11.65
CA ALA B 196 15.85 18.47 12.77
C ALA B 196 15.16 18.61 14.13
N ASP B 197 14.34 19.64 14.25
CA ASP B 197 13.63 19.90 15.49
C ASP B 197 12.64 18.77 15.80
N ALA B 198 11.94 18.30 14.77
CA ALA B 198 10.97 17.20 14.99
C ALA B 198 11.65 15.94 15.42
N VAL B 199 12.76 15.63 14.77
CA VAL B 199 13.48 14.40 15.16
C VAL B 199 13.96 14.51 16.60
N ARG B 200 14.50 15.66 16.98
CA ARG B 200 15.00 15.87 18.35
C ARG B 200 13.91 15.70 19.40
N LEU B 201 12.68 16.01 19.00
CA LEU B 201 11.51 16.10 19.91
C LEU B 201 10.74 14.81 19.99
N ILE B 202 10.59 14.20 18.82
CA ILE B 202 9.71 13.05 18.65
C ILE B 202 10.40 11.71 18.61
N ALA B 203 11.62 11.71 18.10
CA ALA B 203 12.37 10.47 17.96
C ALA B 203 13.89 10.67 18.16
N PRO B 204 14.29 11.20 19.31
CA PRO B 204 15.73 11.39 19.46
C PRO B 204 16.48 10.06 19.53
#